data_8EKF
#
_entry.id   8EKF
#
_cell.length_a   45.412
_cell.length_b   70.765
_cell.length_c   170.246
_cell.angle_alpha   90.000
_cell.angle_beta   90.000
_cell.angle_gamma   90.000
#
_symmetry.space_group_name_H-M   'P 21 21 21'
#
loop_
_entity.id
_entity.type
_entity.pdbx_description
1 polymer '311R Heavy Chain'
2 polymer '311R Light Chain'
3 polymer 'PfCSP peptide NPNA-3'
4 water water
#
loop_
_entity_poly.entity_id
_entity_poly.type
_entity_poly.pdbx_seq_one_letter_code
_entity_poly.pdbx_strand_id
1 'polypeptide(L)'
;QVQLVESGGGVVPPGRSLRLSCATSGFTFSSYGMHWVRQAPGKGLEWVAIIWYDGSNKFYAASVKGRFTISRDNSKNTLY
LQMNSLRVEDTAVYYCARAAYYDTSGYGDYWGQGTLVTVSSASTKGPSVFPLAPSSKSTSGGTAALGCLVKDYFPEPVTV
SWNSGALTSGVHTFPAVLQSSGLYSLSSVVTVPSSSLGTQTYICNVNHKPSNTKVDKKVEPKSC
;
HHH
2 'polypeptide(L)'
;QSVLTQPPSVSGAPGQTVTISCTGGSSNIGAGYDVHWYQQLPGTAPKLLIYGNINRPSGVPDRFSGSKSGTSASLAITGL
QAEDEADYYCQSYDSSLSGSWVFGGGTKLTVLGQPKAAPSVTLFPPSSEELQANKATLVCLVSDFYPGAVTVAWKADGSP
VKVGVETTKPSKQSNNKYAASSYLSLTPEQWKSHRSYSCRVTHEGSTVEKTVAPAECS
;
LLL
3 'polypeptide(L)' NANPNANPNANP CCC
#
# COMPACT_ATOMS: atom_id res chain seq x y z
N GLN A 1 -22.74 -15.81 -5.02
CA GLN A 1 -23.82 -15.60 -4.04
C GLN A 1 -23.29 -15.49 -2.60
N VAL A 2 -22.12 -16.05 -2.31
CA VAL A 2 -21.45 -15.85 -1.00
C VAL A 2 -20.97 -14.41 -0.93
N GLN A 3 -21.57 -13.67 -0.03
CA GLN A 3 -21.20 -12.27 0.21
C GLN A 3 -20.82 -12.07 1.68
N LEU A 4 -19.69 -11.38 1.85
CA LEU A 4 -19.18 -10.91 3.16
C LEU A 4 -18.99 -9.41 3.01
N VAL A 5 -19.86 -8.60 3.61
CA VAL A 5 -19.82 -7.12 3.35
C VAL A 5 -19.46 -6.42 4.65
N GLU A 6 -18.29 -5.79 4.66
CA GLU A 6 -17.76 -5.13 5.86
C GLU A 6 -18.11 -3.65 5.89
N SER A 7 -18.21 -3.13 7.08
CA SER A 7 -18.37 -1.67 7.33
C SER A 7 -17.74 -1.35 8.66
N GLY A 8 -17.54 -0.06 8.95
CA GLY A 8 -17.29 0.39 10.33
C GLY A 8 -15.93 1.02 10.47
N GLY A 9 -15.12 0.91 9.44
CA GLY A 9 -13.79 1.53 9.39
C GLY A 9 -13.90 3.05 9.35
N GLY A 10 -12.81 3.71 9.70
CA GLY A 10 -12.65 5.16 9.54
C GLY A 10 -11.45 5.59 10.35
N VAL A 11 -11.34 6.89 10.56
CA VAL A 11 -10.16 7.53 11.15
C VAL A 11 -10.53 7.79 12.61
N VAL A 12 -9.71 7.31 13.55
CA VAL A 12 -9.96 7.51 15.01
C VAL A 12 -8.65 7.84 15.70
N PRO A 13 -8.68 8.66 16.77
CA PRO A 13 -7.48 8.90 17.56
C PRO A 13 -7.13 7.67 18.40
N PRO A 14 -5.86 7.51 18.81
CA PRO A 14 -5.46 6.44 19.71
C PRO A 14 -6.30 6.43 21.00
N GLY A 15 -6.60 5.24 21.51
CA GLY A 15 -7.35 5.00 22.75
C GLY A 15 -8.84 5.01 22.51
N ARG A 16 -9.27 5.38 21.31
CA ARG A 16 -10.71 5.31 20.98
C ARG A 16 -11.08 3.87 20.57
N SER A 17 -12.37 3.67 20.35
CA SER A 17 -13.10 2.40 20.11
C SER A 17 -13.77 2.50 18.75
N LEU A 18 -13.90 1.37 18.06
CA LEU A 18 -14.60 1.20 16.77
C LEU A 18 -15.23 -0.17 16.80
N ARG A 19 -16.38 -0.35 16.18
CA ARG A 19 -16.96 -1.69 15.95
C ARG A 19 -16.97 -1.97 14.46
N LEU A 20 -16.38 -3.08 14.02
CA LEU A 20 -16.48 -3.48 12.59
C LEU A 20 -17.61 -4.48 12.47
N SER A 21 -18.26 -4.49 11.32
CA SER A 21 -19.37 -5.42 11.06
C SER A 21 -19.05 -6.19 9.76
N CYS A 22 -19.47 -7.44 9.70
CA CYS A 22 -19.33 -8.25 8.47
C CYS A 22 -20.69 -8.91 8.25
N ALA A 23 -21.47 -8.40 7.31
CA ALA A 23 -22.85 -8.85 7.03
C ALA A 23 -22.76 -9.85 5.89
N THR A 24 -23.26 -11.07 6.12
CA THR A 24 -23.04 -12.23 5.23
C THR A 24 -24.36 -12.57 4.55
N SER A 25 -24.30 -13.10 3.33
CA SER A 25 -25.44 -13.83 2.73
C SER A 25 -24.91 -14.96 1.87
N GLY A 26 -25.81 -15.86 1.46
CA GLY A 26 -25.51 -16.86 0.43
C GLY A 26 -25.06 -18.19 1.01
N PHE A 27 -25.03 -18.32 2.34
CA PHE A 27 -24.67 -19.59 3.02
C PHE A 27 -25.27 -19.54 4.41
N THR A 28 -25.38 -20.69 5.08
CA THR A 28 -25.97 -20.78 6.42
C THR A 28 -24.94 -20.26 7.42
N PHE A 29 -25.08 -19.02 7.83
CA PHE A 29 -24.06 -18.31 8.64
C PHE A 29 -23.74 -19.12 9.90
N SER A 30 -24.78 -19.61 10.55
CA SER A 30 -24.70 -20.29 11.88
C SER A 30 -23.94 -21.63 11.78
N SER A 31 -23.62 -22.16 10.59
CA SER A 31 -22.85 -23.42 10.38
C SER A 31 -21.34 -23.15 10.34
N TYR A 32 -20.92 -21.88 10.24
CA TYR A 32 -19.50 -21.51 9.99
C TYR A 32 -18.90 -20.66 11.10
N GLY A 33 -17.70 -21.08 11.49
CA GLY A 33 -16.69 -20.22 12.12
C GLY A 33 -16.35 -19.05 11.20
N MET A 34 -15.88 -17.97 11.78
CA MET A 34 -15.47 -16.76 10.99
C MET A 34 -14.20 -16.19 11.63
N HIS A 35 -13.36 -15.61 10.80
CA HIS A 35 -12.08 -15.03 11.23
C HIS A 35 -12.07 -13.53 10.93
N TRP A 36 -11.25 -12.79 11.68
CA TRP A 36 -10.79 -11.46 11.23
C TRP A 36 -9.31 -11.54 10.95
N VAL A 37 -8.88 -10.89 9.87
CA VAL A 37 -7.45 -10.83 9.45
C VAL A 37 -7.19 -9.33 9.18
N ARG A 38 -5.97 -8.87 9.33
CA ARG A 38 -5.71 -7.43 9.01
C ARG A 38 -4.43 -7.35 8.20
N GLN A 39 -4.29 -6.21 7.54
CA GLN A 39 -3.12 -5.93 6.72
C GLN A 39 -2.79 -4.43 6.84
N ALA A 40 -1.67 -4.12 7.48
CA ALA A 40 -1.17 -2.72 7.55
C ALA A 40 -0.79 -2.31 6.13
N PRO A 41 -1.02 -1.01 5.76
CA PRO A 41 -0.76 -0.54 4.40
C PRO A 41 0.67 -0.87 3.99
N GLY A 42 0.79 -1.53 2.84
CA GLY A 42 2.09 -2.02 2.33
C GLY A 42 2.63 -3.24 3.04
N LYS A 43 1.94 -3.88 3.98
CA LYS A 43 2.56 -5.02 4.70
C LYS A 43 1.77 -6.31 4.47
N GLY A 44 2.15 -7.38 5.17
CA GLY A 44 1.54 -8.72 5.04
C GLY A 44 0.24 -8.90 5.81
N LEU A 45 -0.33 -10.10 5.68
CA LEU A 45 -1.54 -10.51 6.38
C LEU A 45 -1.20 -10.96 7.80
N GLU A 46 -2.05 -10.57 8.75
CA GLU A 46 -1.93 -10.97 10.16
C GLU A 46 -3.28 -11.47 10.61
N TRP A 47 -3.33 -12.72 11.01
CA TRP A 47 -4.58 -13.28 11.62
C TRP A 47 -4.86 -12.52 12.91
N VAL A 48 -6.12 -12.17 13.14
CA VAL A 48 -6.53 -11.38 14.32
C VAL A 48 -7.35 -12.21 15.30
N ALA A 49 -8.38 -12.92 14.84
CA ALA A 49 -9.30 -13.60 15.75
C ALA A 49 -10.15 -14.63 15.01
N ILE A 50 -10.71 -15.56 15.78
CA ILE A 50 -11.70 -16.56 15.28
C ILE A 50 -12.82 -16.65 16.30
N ILE A 51 -13.99 -16.94 15.80
CA ILE A 51 -15.19 -17.35 16.57
C ILE A 51 -15.76 -18.62 15.95
N TRP A 52 -16.07 -19.60 16.81
CA TRP A 52 -16.74 -20.84 16.40
C TRP A 52 -18.11 -20.56 15.82
N TYR A 53 -18.59 -21.47 14.97
CA TYR A 53 -19.96 -21.45 14.43
C TYR A 53 -20.96 -21.26 15.58
N ASP A 54 -20.74 -21.91 16.71
CA ASP A 54 -21.73 -22.01 17.82
C ASP A 54 -21.36 -20.99 18.91
N GLY A 55 -20.35 -20.16 18.65
CA GLY A 55 -19.76 -19.22 19.61
C GLY A 55 -19.16 -19.87 20.83
N SER A 56 -18.88 -21.18 20.81
CA SER A 56 -18.36 -21.92 22.00
C SER A 56 -16.94 -21.48 22.34
N ASN A 57 -16.17 -21.00 21.36
CA ASN A 57 -14.73 -20.70 21.50
C ASN A 57 -14.46 -19.41 20.73
N LYS A 58 -13.53 -18.63 21.24
CA LYS A 58 -13.04 -17.39 20.58
C LYS A 58 -11.55 -17.40 20.83
N PHE A 59 -10.71 -17.15 19.83
CA PHE A 59 -9.24 -17.01 20.05
C PHE A 59 -8.76 -15.74 19.38
N TYR A 60 -7.69 -15.19 19.92
CA TYR A 60 -7.16 -13.87 19.53
C TYR A 60 -5.68 -13.96 19.33
N ALA A 61 -5.18 -13.16 18.42
CA ALA A 61 -3.75 -12.89 18.31
C ALA A 61 -3.25 -12.21 19.62
N ALA A 62 -2.04 -12.54 20.03
CA ALA A 62 -1.43 -11.91 21.22
C ALA A 62 -1.47 -10.39 21.04
N SER A 63 -1.25 -9.88 19.82
CA SER A 63 -1.18 -8.42 19.50
C SER A 63 -2.46 -7.68 19.83
N VAL A 64 -3.62 -8.35 20.02
CA VAL A 64 -4.96 -7.69 20.24
C VAL A 64 -5.69 -8.23 21.45
N LYS A 65 -5.21 -9.30 22.06
CA LYS A 65 -5.92 -9.92 23.19
C LYS A 65 -5.96 -8.92 24.35
N GLY A 66 -7.12 -8.81 25.00
CA GLY A 66 -7.39 -7.81 26.03
C GLY A 66 -8.04 -6.56 25.46
N ARG A 67 -7.91 -6.29 24.15
CA ARG A 67 -8.40 -5.03 23.54
C ARG A 67 -9.55 -5.27 22.58
N PHE A 68 -9.49 -6.34 21.77
CA PHE A 68 -10.53 -6.65 20.75
C PHE A 68 -11.42 -7.80 21.25
N THR A 69 -12.71 -7.73 20.93
CA THR A 69 -13.69 -8.80 21.15
C THR A 69 -14.35 -9.20 19.82
N ILE A 70 -14.32 -10.48 19.51
CA ILE A 70 -15.04 -10.97 18.30
C ILE A 70 -16.39 -11.44 18.80
N SER A 71 -17.44 -11.20 18.02
CA SER A 71 -18.79 -11.69 18.39
C SER A 71 -19.61 -11.92 17.13
N ARG A 72 -20.77 -12.52 17.27
CA ARG A 72 -21.62 -12.76 16.09
C ARG A 72 -23.07 -12.65 16.53
N ASP A 73 -23.93 -12.25 15.62
CA ASP A 73 -25.40 -12.31 15.76
C ASP A 73 -25.98 -13.18 14.63
N ASN A 74 -26.30 -14.42 14.95
CA ASN A 74 -26.81 -15.42 13.99
C ASN A 74 -28.12 -14.96 13.36
N SER A 75 -29.00 -14.31 14.10
CA SER A 75 -30.28 -13.74 13.60
C SER A 75 -30.04 -12.65 12.54
N LYS A 76 -28.88 -11.96 12.54
CA LYS A 76 -28.53 -10.95 11.52
C LYS A 76 -27.47 -11.44 10.52
N ASN A 77 -27.03 -12.69 10.61
CA ASN A 77 -26.01 -13.24 9.69
C ASN A 77 -24.78 -12.33 9.71
N THR A 78 -24.47 -11.77 10.91
CA THR A 78 -23.47 -10.70 11.06
C THR A 78 -22.38 -11.12 12.06
N LEU A 79 -21.14 -10.83 11.67
CA LEU A 79 -19.93 -10.96 12.51
C LEU A 79 -19.49 -9.55 12.93
N TYR A 80 -19.00 -9.41 14.15
CA TYR A 80 -18.47 -8.12 14.64
C TYR A 80 -17.07 -8.24 15.17
N LEU A 81 -16.36 -7.11 15.10
CA LEU A 81 -15.10 -6.98 15.83
C LEU A 81 -15.15 -5.66 16.61
N GLN A 82 -15.18 -5.79 17.93
CA GLN A 82 -15.12 -4.62 18.86
C GLN A 82 -13.65 -4.36 19.13
N MET A 83 -13.19 -3.17 18.78
CA MET A 83 -11.77 -2.76 18.90
C MET A 83 -11.70 -1.63 19.93
N ASN A 84 -11.17 -1.91 21.10
CA ASN A 84 -11.00 -0.90 22.18
C ASN A 84 -9.53 -0.57 22.26
N SER A 85 -9.17 0.56 22.90
CA SER A 85 -7.76 0.99 23.15
C SER A 85 -6.93 0.93 21.89
N LEU A 86 -7.46 1.53 20.82
CA LEU A 86 -6.76 1.48 19.52
C LEU A 86 -5.43 2.20 19.63
N ARG A 87 -4.43 1.64 19.00
CA ARG A 87 -3.06 2.16 18.90
C ARG A 87 -2.83 2.47 17.44
N VAL A 88 -1.87 3.34 17.16
CA VAL A 88 -1.48 3.70 15.78
C VAL A 88 -1.08 2.41 15.04
N GLU A 89 -0.47 1.44 15.72
CA GLU A 89 0.01 0.17 15.10
C GLU A 89 -1.16 -0.78 14.76
N ASP A 90 -2.39 -0.42 15.06
CA ASP A 90 -3.60 -1.18 14.68
C ASP A 90 -4.11 -0.71 13.31
N THR A 91 -3.47 0.31 12.74
CA THR A 91 -3.85 0.89 11.43
C THR A 91 -3.76 -0.24 10.40
N ALA A 92 -4.86 -0.56 9.74
CA ALA A 92 -4.89 -1.67 8.78
C ALA A 92 -6.22 -1.73 8.08
N VAL A 93 -6.19 -2.44 6.94
CA VAL A 93 -7.44 -2.96 6.33
C VAL A 93 -7.76 -4.23 7.14
N TYR A 94 -8.97 -4.29 7.65
CA TYR A 94 -9.53 -5.46 8.37
C TYR A 94 -10.42 -6.23 7.40
N TYR A 95 -10.11 -7.52 7.26
CA TYR A 95 -10.88 -8.49 6.44
C TYR A 95 -11.61 -9.48 7.32
N CYS A 96 -12.87 -9.79 6.99
CA CYS A 96 -13.51 -11.00 7.58
C CYS A 96 -13.34 -12.17 6.61
N ALA A 97 -13.21 -13.40 7.12
CA ALA A 97 -13.05 -14.58 6.25
C ALA A 97 -13.91 -15.69 6.82
N ARG A 98 -14.60 -16.43 5.95
CA ARG A 98 -15.33 -17.64 6.36
C ARG A 98 -14.33 -18.74 6.67
N ALA A 99 -14.52 -19.41 7.80
CA ALA A 99 -13.62 -20.52 8.22
C ALA A 99 -13.88 -21.71 7.29
N ALA A 100 -12.83 -22.35 6.85
CA ALA A 100 -12.86 -23.70 6.25
C ALA A 100 -11.85 -24.60 6.95
N TYR A 101 -11.91 -25.91 6.74
CA TYR A 101 -10.94 -26.79 7.42
C TYR A 101 -10.56 -27.89 6.46
N TYR A 102 -9.31 -28.31 6.44
CA TYR A 102 -8.89 -29.38 5.54
C TYR A 102 -8.72 -30.61 6.45
N ASP A 103 -7.49 -30.97 6.76
CA ASP A 103 -7.20 -32.23 7.50
C ASP A 103 -6.57 -31.87 8.85
N THR A 104 -5.47 -31.14 8.81
CA THR A 104 -4.73 -30.79 10.03
C THR A 104 -4.64 -29.27 10.21
N SER A 105 -5.22 -28.44 9.34
CA SER A 105 -5.34 -26.98 9.68
C SER A 105 -6.46 -26.35 8.88
N GLY A 106 -6.78 -25.13 9.26
CA GLY A 106 -7.87 -24.35 8.68
C GLY A 106 -7.35 -23.32 7.68
N TYR A 107 -8.28 -22.75 6.97
CA TYR A 107 -8.03 -21.73 5.92
C TYR A 107 -9.31 -20.93 5.75
N GLY A 108 -9.23 -19.87 4.96
CA GLY A 108 -10.38 -18.98 4.76
C GLY A 108 -10.84 -19.08 3.31
N ASP A 109 -12.02 -19.63 3.05
CA ASP A 109 -12.40 -19.97 1.65
C ASP A 109 -13.07 -18.76 0.96
N TYR A 110 -13.69 -17.85 1.71
CA TYR A 110 -14.27 -16.58 1.19
C TYR A 110 -13.88 -15.43 2.12
N TRP A 111 -13.59 -14.29 1.51
CA TRP A 111 -13.08 -13.08 2.20
C TRP A 111 -13.95 -11.88 1.88
N GLY A 112 -14.20 -11.04 2.88
CA GLY A 112 -14.75 -9.69 2.69
C GLY A 112 -13.86 -8.80 1.86
N GLN A 113 -14.39 -7.67 1.40
CA GLN A 113 -13.73 -6.64 0.56
C GLN A 113 -12.81 -5.78 1.45
N GLY A 114 -12.95 -5.84 2.76
CA GLY A 114 -12.03 -5.12 3.67
C GLY A 114 -12.62 -3.78 4.10
N THR A 115 -12.26 -3.31 5.28
CA THR A 115 -12.59 -1.95 5.77
C THR A 115 -11.32 -1.36 6.41
N LEU A 116 -11.01 -0.11 6.09
CA LEU A 116 -9.75 0.51 6.51
C LEU A 116 -9.96 1.18 7.87
N VAL A 117 -9.15 0.80 8.86
CA VAL A 117 -9.08 1.46 10.18
C VAL A 117 -7.80 2.27 10.18
N THR A 118 -7.93 3.60 10.35
CA THR A 118 -6.76 4.49 10.45
C THR A 118 -6.75 5.08 11.86
N VAL A 119 -5.75 4.72 12.63
CA VAL A 119 -5.57 5.23 14.01
C VAL A 119 -4.44 6.26 13.93
N SER A 120 -4.76 7.54 14.17
CA SER A 120 -3.82 8.67 14.03
C SER A 120 -4.16 9.73 15.08
N SER A 121 -3.16 10.37 15.66
CA SER A 121 -3.46 11.52 16.55
C SER A 121 -3.42 12.82 15.75
N ALA A 122 -3.30 12.77 14.41
CA ALA A 122 -3.30 13.97 13.54
C ALA A 122 -4.72 14.55 13.53
N SER A 123 -4.88 15.86 13.38
CA SER A 123 -6.21 16.52 13.33
C SER A 123 -6.47 16.98 11.90
N THR A 124 -7.72 17.13 11.54
CA THR A 124 -8.18 17.66 10.22
C THR A 124 -7.45 18.97 9.98
N LYS A 125 -6.77 19.06 8.86
CA LYS A 125 -5.95 20.26 8.50
C LYS A 125 -5.94 20.37 6.99
N GLY A 126 -6.28 21.55 6.49
CA GLY A 126 -6.24 21.87 5.06
C GLY A 126 -4.79 22.09 4.66
N PRO A 127 -4.49 21.86 3.38
CA PRO A 127 -3.12 21.98 2.89
C PRO A 127 -2.60 23.41 2.78
N SER A 128 -1.29 23.56 2.84
CA SER A 128 -0.54 24.73 2.33
C SER A 128 -0.14 24.44 0.89
N VAL A 129 -0.45 25.32 -0.05
CA VAL A 129 -0.14 25.07 -1.47
C VAL A 129 0.94 26.04 -1.92
N PHE A 130 2.08 25.49 -2.36
CA PHE A 130 3.24 26.25 -2.87
C PHE A 130 3.41 25.99 -4.35
N PRO A 131 3.76 27.03 -5.14
CA PRO A 131 3.94 26.88 -6.57
C PRO A 131 5.33 26.24 -6.80
N LEU A 132 5.41 25.35 -7.76
CA LEU A 132 6.69 24.78 -8.24
C LEU A 132 6.94 25.42 -9.60
N ALA A 133 7.63 26.55 -9.60
CA ALA A 133 7.74 27.42 -10.80
C ALA A 133 8.63 26.77 -11.86
N PRO A 134 8.29 26.98 -13.16
CA PRO A 134 9.12 26.48 -14.26
C PRO A 134 10.45 27.23 -14.46
N SER A 135 11.46 26.50 -14.97
CA SER A 135 12.85 26.92 -15.35
C SER A 135 12.79 28.15 -16.28
N SER A 136 13.73 29.11 -16.11
CA SER A 136 13.90 30.25 -17.07
C SER A 136 14.98 29.92 -18.10
N LYS A 137 15.61 28.73 -18.04
CA LYS A 137 16.57 28.24 -19.07
C LYS A 137 15.84 27.34 -20.09
N SER A 138 14.50 27.23 -19.99
CA SER A 138 13.57 26.50 -20.89
C SER A 138 13.54 24.98 -20.58
N THR A 139 14.29 24.53 -19.53
CA THR A 139 14.85 23.16 -19.32
C THR A 139 13.87 22.04 -19.71
N SER A 140 14.34 21.11 -20.56
CA SER A 140 13.73 19.81 -20.97
C SER A 140 13.13 19.90 -22.38
N GLY A 141 13.90 20.35 -23.37
CA GLY A 141 13.39 20.58 -24.75
C GLY A 141 12.42 21.76 -24.77
N GLY A 142 11.54 21.85 -25.76
CA GLY A 142 10.56 22.97 -25.85
C GLY A 142 9.48 22.88 -24.76
N THR A 143 9.69 22.08 -23.72
CA THR A 143 8.64 21.75 -22.70
C THR A 143 9.14 22.06 -21.29
N ALA A 144 8.31 22.75 -20.51
CA ALA A 144 8.60 23.13 -19.12
C ALA A 144 7.68 22.33 -18.20
N ALA A 145 8.22 21.98 -17.03
CA ALA A 145 7.49 21.30 -15.96
C ALA A 145 7.15 22.35 -14.92
N LEU A 146 5.90 22.46 -14.53
CA LEU A 146 5.53 23.35 -13.40
C LEU A 146 4.55 22.60 -12.53
N GLY A 147 4.42 23.04 -11.28
CA GLY A 147 3.57 22.23 -10.40
C GLY A 147 3.08 22.97 -9.21
N CYS A 148 2.39 22.22 -8.35
CA CYS A 148 1.98 22.66 -7.01
C CYS A 148 2.42 21.61 -6.01
N LEU A 149 3.02 22.09 -4.93
CA LEU A 149 3.32 21.30 -3.74
C LEU A 149 2.16 21.51 -2.76
N VAL A 150 1.50 20.42 -2.42
CA VAL A 150 0.31 20.38 -1.54
C VAL A 150 0.77 19.82 -0.20
N LYS A 151 1.10 20.69 0.75
CA LYS A 151 1.85 20.33 1.98
C LYS A 151 0.92 20.23 3.21
N ASP A 152 1.14 19.20 4.02
CA ASP A 152 0.75 19.09 5.45
C ASP A 152 -0.78 19.12 5.57
N TYR A 153 -1.46 18.17 4.96
CA TYR A 153 -2.92 18.02 5.09
C TYR A 153 -3.25 16.71 5.79
N PHE A 154 -4.48 16.64 6.29
CA PHE A 154 -5.01 15.44 6.97
C PHE A 154 -6.51 15.57 7.08
N PRO A 155 -7.29 14.50 6.84
CA PRO A 155 -6.81 13.24 6.26
C PRO A 155 -6.84 13.26 4.73
N GLU A 156 -6.55 12.12 4.09
CA GLU A 156 -6.82 11.93 2.64
C GLU A 156 -8.32 12.03 2.43
N PRO A 157 -8.83 12.31 1.22
CA PRO A 157 -8.01 12.65 0.05
C PRO A 157 -7.94 14.15 -0.24
N VAL A 158 -7.04 14.51 -1.15
CA VAL A 158 -7.05 15.79 -1.91
C VAL A 158 -7.25 15.45 -3.37
N THR A 159 -7.91 16.31 -4.13
CA THR A 159 -7.99 16.23 -5.59
C THR A 159 -7.35 17.48 -6.15
N VAL A 160 -6.72 17.34 -7.30
CA VAL A 160 -6.06 18.47 -7.98
C VAL A 160 -6.55 18.50 -9.41
N SER A 161 -6.86 19.69 -9.89
CA SER A 161 -7.14 19.95 -11.31
C SER A 161 -6.28 21.14 -11.71
N TRP A 162 -6.12 21.39 -13.01
CA TRP A 162 -5.42 22.57 -13.52
C TRP A 162 -6.38 23.34 -14.40
N ASN A 163 -6.39 24.66 -14.23
CA ASN A 163 -7.20 25.60 -15.07
C ASN A 163 -8.65 25.08 -15.11
N SER A 164 -9.15 24.66 -13.93
CA SER A 164 -10.54 24.27 -13.66
C SER A 164 -10.93 23.10 -14.55
N GLY A 165 -9.99 22.19 -14.84
CA GLY A 165 -10.26 20.90 -15.49
C GLY A 165 -10.10 20.98 -16.99
N ALA A 166 -9.82 22.17 -17.50
CA ALA A 166 -9.57 22.48 -18.92
C ALA A 166 -8.16 22.05 -19.33
N LEU A 167 -7.23 21.87 -18.38
CA LEU A 167 -5.86 21.38 -18.70
C LEU A 167 -5.70 19.99 -18.14
N THR A 168 -5.68 18.95 -18.99
CA THR A 168 -5.54 17.53 -18.55
C THR A 168 -4.31 16.91 -19.20
N SER A 169 -3.93 17.43 -20.38
CA SER A 169 -2.79 16.91 -21.15
C SER A 169 -1.50 17.20 -20.36
N GLY A 170 -0.65 16.19 -20.10
CA GLY A 170 0.66 16.33 -19.43
C GLY A 170 0.54 16.56 -17.91
N VAL A 171 -0.63 16.37 -17.33
CA VAL A 171 -0.83 16.47 -15.86
C VAL A 171 -0.45 15.13 -15.24
N HIS A 172 0.39 15.18 -14.22
CA HIS A 172 0.69 14.03 -13.37
C HIS A 172 0.56 14.47 -11.90
N THR A 173 -0.47 13.99 -11.21
CA THR A 173 -0.63 14.20 -9.75
C THR A 173 -0.11 12.93 -9.07
N PHE A 174 0.83 13.09 -8.16
CA PHE A 174 1.54 11.96 -7.53
C PHE A 174 0.80 11.59 -6.27
N PRO A 175 0.75 10.30 -5.93
CA PRO A 175 0.26 9.87 -4.64
C PRO A 175 1.03 10.58 -3.53
N ALA A 176 0.34 10.81 -2.44
CA ALA A 176 0.87 11.54 -1.28
C ALA A 176 1.90 10.70 -0.55
N VAL A 177 2.83 11.36 0.08
CA VAL A 177 3.65 10.75 1.17
C VAL A 177 3.02 10.99 2.55
N LEU A 178 3.21 10.05 3.47
CA LEU A 178 2.77 10.23 4.87
C LEU A 178 4.01 10.55 5.69
N GLN A 179 4.03 11.74 6.30
CA GLN A 179 5.21 12.28 7.00
C GLN A 179 5.23 11.73 8.42
N SER A 180 6.37 11.85 9.11
CA SER A 180 6.52 11.40 10.51
C SER A 180 5.56 12.22 11.40
N SER A 181 5.13 13.38 10.92
CA SER A 181 4.18 14.27 11.63
C SER A 181 2.79 13.65 11.64
N GLY A 182 2.53 12.66 10.77
CA GLY A 182 1.16 12.13 10.57
C GLY A 182 0.38 12.88 9.51
N LEU A 183 0.99 13.88 8.86
CA LEU A 183 0.29 14.68 7.81
C LEU A 183 0.78 14.21 6.46
N TYR A 184 -0.04 14.42 5.46
CA TYR A 184 0.29 14.05 4.06
C TYR A 184 0.80 15.28 3.32
N SER A 185 1.61 15.03 2.29
CA SER A 185 1.95 15.99 1.21
C SER A 185 1.92 15.27 -0.14
N LEU A 186 1.53 15.98 -1.18
CA LEU A 186 1.62 15.47 -2.56
C LEU A 186 2.02 16.60 -3.48
N SER A 187 2.36 16.24 -4.71
CA SER A 187 2.66 17.21 -5.74
C SER A 187 1.89 16.86 -7.00
N SER A 188 1.54 17.89 -7.75
CA SER A 188 1.02 17.76 -9.11
C SER A 188 1.94 18.57 -10.02
N VAL A 189 2.29 18.00 -11.16
CA VAL A 189 3.19 18.63 -12.14
C VAL A 189 2.48 18.55 -13.47
N VAL A 190 2.69 19.57 -14.28
CA VAL A 190 2.16 19.59 -15.66
C VAL A 190 3.33 20.00 -16.54
N THR A 191 3.40 19.32 -17.67
CA THR A 191 4.39 19.52 -18.75
C THR A 191 3.71 20.37 -19.80
N VAL A 192 4.21 21.56 -20.07
CA VAL A 192 3.56 22.50 -21.03
C VAL A 192 4.59 23.00 -22.02
N PRO A 193 4.16 23.47 -23.21
CA PRO A 193 5.04 24.21 -24.12
C PRO A 193 5.71 25.39 -23.40
N SER A 194 7.04 25.47 -23.46
CA SER A 194 7.85 26.60 -22.93
C SER A 194 7.35 27.94 -23.50
N SER A 195 6.91 27.94 -24.77
CA SER A 195 6.47 29.14 -25.51
C SER A 195 5.15 29.65 -24.91
N SER A 196 4.40 28.81 -24.19
CA SER A 196 3.12 29.23 -23.58
C SER A 196 3.38 30.05 -22.29
N LEU A 197 4.57 29.96 -21.69
CA LEU A 197 4.79 30.49 -20.32
C LEU A 197 4.58 32.00 -20.30
N GLY A 198 4.80 32.68 -21.43
CA GLY A 198 4.56 34.12 -21.56
C GLY A 198 3.08 34.45 -21.59
N THR A 199 2.26 33.65 -22.27
CA THR A 199 0.90 34.06 -22.71
C THR A 199 -0.19 33.30 -21.94
N GLN A 200 0.13 32.17 -21.30
CA GLN A 200 -0.92 31.29 -20.72
C GLN A 200 -0.76 31.28 -19.19
N THR A 201 -1.85 31.49 -18.47
CA THR A 201 -1.87 31.40 -16.99
C THR A 201 -2.14 29.93 -16.58
N TYR A 202 -1.41 29.46 -15.58
CA TYR A 202 -1.48 28.11 -14.98
C TYR A 202 -1.83 28.25 -13.51
N ILE A 203 -2.95 27.63 -13.16
CA ILE A 203 -3.56 27.69 -11.81
C ILE A 203 -3.83 26.28 -11.39
N CYS A 204 -3.30 25.84 -10.26
CA CYS A 204 -3.69 24.51 -9.81
C CYS A 204 -4.86 24.69 -8.85
N ASN A 205 -5.83 23.82 -8.96
CA ASN A 205 -7.08 23.86 -8.13
C ASN A 205 -7.04 22.69 -7.16
N VAL A 206 -6.86 22.96 -5.86
CA VAL A 206 -6.63 21.89 -4.86
C VAL A 206 -7.86 21.84 -3.96
N ASN A 207 -8.50 20.67 -3.88
CA ASN A 207 -9.75 20.53 -3.10
C ASN A 207 -9.48 19.53 -1.99
N HIS A 208 -9.77 19.95 -0.76
CA HIS A 208 -9.68 19.13 0.45
C HIS A 208 -11.01 19.16 1.22
N LYS A 209 -11.93 18.28 0.83
CA LYS A 209 -13.30 18.13 1.37
C LYS A 209 -13.26 17.97 2.88
N PRO A 210 -12.39 17.12 3.45
CA PRO A 210 -12.40 16.92 4.90
C PRO A 210 -12.26 18.20 5.74
N SER A 211 -11.60 19.23 5.20
CA SER A 211 -11.42 20.52 5.94
C SER A 211 -12.25 21.63 5.30
N ASN A 212 -13.08 21.32 4.29
CA ASN A 212 -13.94 22.28 3.55
C ASN A 212 -13.10 23.41 2.95
N THR A 213 -11.89 23.09 2.50
CA THR A 213 -10.91 24.03 1.95
C THR A 213 -10.67 23.76 0.48
N LYS A 214 -10.68 24.82 -0.32
CA LYS A 214 -10.25 24.78 -1.73
C LYS A 214 -9.19 25.87 -1.84
N VAL A 215 -8.06 25.60 -2.52
CA VAL A 215 -7.00 26.59 -2.86
C VAL A 215 -6.86 26.60 -4.38
N ASP A 216 -6.89 27.79 -4.95
CA ASP A 216 -6.52 28.00 -6.38
C ASP A 216 -5.19 28.74 -6.36
N LYS A 217 -4.09 28.13 -6.86
CA LYS A 217 -2.76 28.76 -6.78
C LYS A 217 -2.27 29.04 -8.21
N LYS A 218 -1.93 30.29 -8.49
CA LYS A 218 -1.38 30.70 -9.80
C LYS A 218 0.09 30.33 -9.78
N VAL A 219 0.57 29.64 -10.81
CA VAL A 219 2.00 29.27 -10.88
C VAL A 219 2.66 30.08 -12.00
N GLU A 220 3.53 31.00 -11.62
CA GLU A 220 4.15 31.95 -12.57
C GLU A 220 5.59 31.53 -12.79
N PRO A 221 6.09 31.70 -14.04
CA PRO A 221 7.51 31.52 -14.36
C PRO A 221 8.47 32.33 -13.48
N LYS A 222 9.66 31.77 -13.20
CA LYS A 222 10.84 32.50 -12.66
C LYS A 222 11.61 33.19 -13.82
N SER A 223 12.72 33.88 -13.52
CA SER A 223 13.66 34.48 -14.50
C SER A 223 15.10 34.36 -13.98
N SER B 2 7.90 -13.28 10.27
CA SER B 2 6.95 -14.32 9.78
C SER B 2 7.48 -15.69 10.15
N VAL B 3 6.64 -16.51 10.78
CA VAL B 3 6.93 -17.93 11.08
C VAL B 3 7.30 -18.64 9.79
N LEU B 4 6.61 -18.27 8.70
CA LEU B 4 6.82 -18.88 7.36
C LEU B 4 7.58 -17.87 6.50
N THR B 5 8.66 -18.32 5.88
CA THR B 5 9.58 -17.47 5.08
C THR B 5 9.29 -17.66 3.59
N GLN B 6 8.97 -16.55 2.95
CA GLN B 6 8.80 -16.49 1.48
C GLN B 6 9.81 -15.51 0.90
N PRO B 7 10.23 -15.70 -0.36
CA PRO B 7 11.05 -14.70 -1.04
C PRO B 7 10.22 -13.42 -1.14
N PRO B 8 10.79 -12.23 -0.86
CA PRO B 8 10.07 -10.96 -1.00
C PRO B 8 9.51 -10.77 -2.42
N SER B 9 10.23 -11.24 -3.42
CA SER B 9 9.85 -10.95 -4.82
C SER B 9 10.31 -12.08 -5.71
N VAL B 10 9.49 -12.35 -6.71
CA VAL B 10 9.83 -13.25 -7.83
C VAL B 10 9.38 -12.49 -9.08
N SER B 11 9.96 -12.81 -10.23
CA SER B 11 9.47 -12.29 -11.52
C SER B 11 9.68 -13.34 -12.62
N GLY B 12 8.96 -13.13 -13.70
CA GLY B 12 9.05 -13.93 -14.91
C GLY B 12 8.36 -13.21 -16.04
N ALA B 13 8.67 -13.65 -17.24
CA ALA B 13 8.08 -13.18 -18.51
C ALA B 13 6.86 -14.03 -18.81
N PRO B 14 5.87 -13.48 -19.54
CA PRO B 14 4.68 -14.23 -19.93
C PRO B 14 5.07 -15.56 -20.56
N GLY B 15 4.36 -16.63 -20.19
CA GLY B 15 4.58 -18.00 -20.68
C GLY B 15 5.53 -18.78 -19.79
N GLN B 16 6.30 -18.10 -18.92
CA GLN B 16 7.31 -18.82 -18.08
C GLN B 16 6.63 -19.46 -16.87
N THR B 17 7.34 -20.36 -16.22
CA THR B 17 6.97 -21.04 -14.96
C THR B 17 7.70 -20.32 -13.84
N VAL B 18 7.01 -19.96 -12.77
CA VAL B 18 7.68 -19.43 -11.57
C VAL B 18 7.26 -20.27 -10.37
N THR B 19 8.14 -20.35 -9.40
CA THR B 19 7.94 -21.13 -8.18
C THR B 19 8.11 -20.15 -7.01
N ILE B 20 7.23 -20.22 -6.03
CA ILE B 20 7.28 -19.38 -4.81
C ILE B 20 7.43 -20.34 -3.65
N SER B 21 8.51 -20.25 -2.88
CA SER B 21 8.76 -21.17 -1.75
C SER B 21 8.19 -20.57 -0.47
N CYS B 22 7.93 -21.45 0.49
CA CYS B 22 7.38 -21.15 1.82
C CYS B 22 8.07 -22.10 2.81
N THR B 23 8.98 -21.58 3.63
CA THR B 23 9.82 -22.42 4.56
C THR B 23 9.38 -22.20 5.99
N GLY B 24 9.06 -23.28 6.67
CA GLY B 24 8.66 -23.22 8.08
C GLY B 24 9.63 -24.02 8.92
N GLY B 25 9.11 -24.70 9.91
CA GLY B 25 9.88 -25.43 10.92
C GLY B 25 9.05 -26.55 11.49
N SER B 26 9.57 -27.18 12.54
CA SER B 26 9.11 -28.47 13.06
C SER B 26 7.77 -28.32 13.80
N SER B 27 7.37 -27.12 14.24
CA SER B 27 6.07 -26.88 14.91
C SER B 27 5.00 -26.36 13.92
N ASN B 28 5.33 -26.23 12.64
CA ASN B 28 4.30 -25.82 11.64
C ASN B 28 4.28 -26.82 10.49
N ILE B 29 4.89 -26.48 9.37
CA ILE B 29 4.86 -27.35 8.16
C ILE B 29 5.53 -28.71 8.48
N GLY B 30 6.62 -28.72 9.24
CA GLY B 30 7.31 -29.97 9.67
C GLY B 30 6.43 -30.85 10.54
N ALA B 31 5.52 -30.26 11.31
CA ALA B 31 4.55 -30.98 12.15
C ALA B 31 3.41 -31.59 11.33
N GLY B 32 3.28 -31.31 10.02
CA GLY B 32 2.23 -31.92 9.19
C GLY B 32 0.97 -31.06 9.14
N TYR B 33 1.01 -29.85 9.68
CA TYR B 33 -0.13 -28.90 9.58
C TYR B 33 -0.25 -28.42 8.14
N ASP B 34 -1.45 -28.51 7.59
CA ASP B 34 -1.69 -28.27 6.15
C ASP B 34 -1.24 -26.86 5.78
N VAL B 35 -0.84 -26.67 4.54
CA VAL B 35 -0.47 -25.34 4.01
C VAL B 35 -1.49 -24.95 2.94
N HIS B 36 -1.85 -23.68 2.94
CA HIS B 36 -2.81 -23.08 2.00
C HIS B 36 -2.18 -21.81 1.41
N TRP B 37 -2.66 -21.38 0.25
CA TRP B 37 -2.07 -20.23 -0.48
C TRP B 37 -3.21 -19.28 -0.87
N TYR B 38 -2.90 -17.99 -0.83
CA TYR B 38 -3.82 -16.90 -1.21
C TYR B 38 -3.14 -16.03 -2.27
N GLN B 39 -3.98 -15.55 -3.17
CA GLN B 39 -3.59 -14.57 -4.21
C GLN B 39 -4.21 -13.23 -3.84
N GLN B 40 -3.45 -12.14 -3.84
CA GLN B 40 -4.00 -10.81 -3.59
C GLN B 40 -3.59 -9.90 -4.74
N LEU B 41 -4.53 -9.70 -5.65
CA LEU B 41 -4.35 -8.73 -6.77
C LEU B 41 -4.26 -7.35 -6.13
N PRO B 42 -3.46 -6.45 -6.71
CA PRO B 42 -3.27 -5.13 -6.10
C PRO B 42 -4.64 -4.45 -5.87
N GLY B 43 -4.84 -3.87 -4.68
CA GLY B 43 -6.09 -3.19 -4.29
C GLY B 43 -7.30 -4.10 -4.05
N THR B 44 -7.14 -5.43 -3.88
CA THR B 44 -8.26 -6.39 -3.71
C THR B 44 -8.00 -7.22 -2.45
N ALA B 45 -9.03 -7.90 -1.95
CA ALA B 45 -8.91 -8.80 -0.80
C ALA B 45 -8.19 -10.07 -1.25
N PRO B 46 -7.48 -10.75 -0.34
CA PRO B 46 -6.94 -12.06 -0.65
C PRO B 46 -8.07 -12.96 -1.18
N LYS B 47 -7.68 -13.91 -2.04
CA LYS B 47 -8.57 -14.97 -2.57
C LYS B 47 -7.85 -16.31 -2.37
N LEU B 48 -8.58 -17.34 -1.99
CA LEU B 48 -8.00 -18.70 -1.84
C LEU B 48 -7.54 -19.23 -3.19
N LEU B 49 -6.29 -19.67 -3.25
CA LEU B 49 -5.66 -20.17 -4.47
C LEU B 49 -5.43 -21.67 -4.40
N ILE B 50 -4.94 -22.16 -3.28
CA ILE B 50 -4.57 -23.58 -3.04
C ILE B 50 -4.98 -23.87 -1.62
N TYR B 51 -5.66 -24.99 -1.39
CA TYR B 51 -5.98 -25.42 -0.03
C TYR B 51 -5.54 -26.87 0.17
N GLY B 52 -5.27 -27.19 1.42
CA GLY B 52 -4.78 -28.53 1.85
C GLY B 52 -3.57 -28.96 1.06
N ASN B 53 -2.58 -28.07 0.95
CA ASN B 53 -1.26 -28.31 0.33
C ASN B 53 -1.32 -28.31 -1.21
N ILE B 54 -2.30 -28.98 -1.82
CA ILE B 54 -2.24 -29.34 -3.26
C ILE B 54 -3.56 -29.05 -4.00
N ASN B 55 -4.66 -28.73 -3.32
CA ASN B 55 -6.01 -28.73 -3.97
C ASN B 55 -6.30 -27.34 -4.54
N ARG B 56 -6.73 -27.29 -5.79
CA ARG B 56 -7.27 -26.03 -6.37
C ARG B 56 -8.76 -25.98 -6.09
N PRO B 57 -9.28 -24.83 -5.61
CA PRO B 57 -10.69 -24.56 -5.75
C PRO B 57 -11.03 -24.70 -7.24
N SER B 58 -12.26 -25.10 -7.51
CA SER B 58 -12.73 -25.35 -8.90
C SER B 58 -12.56 -24.08 -9.76
N GLY B 59 -12.64 -22.88 -9.18
CA GLY B 59 -12.54 -21.59 -9.92
C GLY B 59 -11.12 -21.23 -10.29
N VAL B 60 -10.12 -21.96 -9.81
CA VAL B 60 -8.69 -21.65 -10.07
C VAL B 60 -8.20 -22.39 -11.30
N PRO B 61 -7.57 -21.72 -12.29
CA PRO B 61 -7.01 -22.39 -13.46
C PRO B 61 -5.95 -23.44 -13.12
N ASP B 62 -5.80 -24.42 -14.01
CA ASP B 62 -4.84 -25.53 -13.88
C ASP B 62 -3.36 -25.03 -13.86
N ARG B 63 -3.06 -23.74 -14.00
CA ARG B 63 -1.66 -23.26 -14.04
C ARG B 63 -1.08 -23.13 -12.62
N PHE B 64 -1.93 -23.25 -11.61
CA PHE B 64 -1.54 -23.06 -10.20
C PHE B 64 -1.44 -24.41 -9.53
N SER B 65 -0.29 -24.75 -8.93
CA SER B 65 -0.17 -26.03 -8.19
C SER B 65 0.68 -25.83 -6.93
N GLY B 66 0.40 -26.64 -5.92
CA GLY B 66 1.10 -26.60 -4.64
C GLY B 66 1.73 -27.95 -4.38
N SER B 67 2.83 -27.93 -3.63
CA SER B 67 3.54 -29.15 -3.19
C SER B 67 4.07 -28.85 -1.81
N LYS B 68 4.44 -29.90 -1.08
CA LYS B 68 4.91 -29.77 0.31
C LYS B 68 5.89 -30.91 0.50
N SER B 69 7.07 -30.64 1.06
CA SER B 69 8.04 -31.69 1.41
C SER B 69 8.74 -31.28 2.71
N GLY B 70 8.62 -32.05 3.81
CA GLY B 70 9.38 -31.77 5.03
C GLY B 70 8.93 -30.47 5.68
N THR B 71 9.76 -29.43 5.73
CA THR B 71 9.45 -28.15 6.40
C THR B 71 9.15 -27.08 5.34
N SER B 72 8.96 -27.47 4.09
CA SER B 72 8.83 -26.50 2.97
C SER B 72 7.57 -26.81 2.17
N ALA B 73 6.93 -25.75 1.68
CA ALA B 73 5.88 -25.86 0.65
C ALA B 73 6.25 -24.94 -0.51
N SER B 74 5.60 -25.12 -1.64
CA SER B 74 5.90 -24.33 -2.84
C SER B 74 4.61 -24.19 -3.66
N LEU B 75 4.45 -23.02 -4.25
CA LEU B 75 3.40 -22.71 -5.25
C LEU B 75 4.11 -22.58 -6.59
N ALA B 76 3.65 -23.30 -7.61
CA ALA B 76 4.16 -23.16 -8.98
C ALA B 76 3.06 -22.55 -9.83
N ILE B 77 3.44 -21.60 -10.67
CA ILE B 77 2.56 -20.97 -11.69
C ILE B 77 3.19 -21.20 -13.05
N THR B 78 2.52 -21.99 -13.89
CA THR B 78 2.94 -22.21 -15.30
C THR B 78 2.21 -21.22 -16.19
N GLY B 79 2.73 -20.99 -17.42
CA GLY B 79 2.02 -20.22 -18.44
C GLY B 79 1.74 -18.81 -17.95
N LEU B 80 2.75 -18.16 -17.33
CA LEU B 80 2.53 -16.89 -16.61
C LEU B 80 1.80 -15.89 -17.52
N GLN B 81 0.82 -15.17 -16.99
CA GLN B 81 0.00 -14.16 -17.68
C GLN B 81 0.07 -12.90 -16.85
N ALA B 82 -0.18 -11.74 -17.44
CA ALA B 82 -0.19 -10.41 -16.78
C ALA B 82 -1.11 -10.42 -15.57
N GLU B 83 -2.23 -11.13 -15.68
CA GLU B 83 -3.29 -11.20 -14.65
C GLU B 83 -2.73 -11.83 -13.38
N ASP B 84 -1.62 -12.58 -13.46
CA ASP B 84 -1.03 -13.28 -12.28
C ASP B 84 -0.25 -12.33 -11.37
N GLU B 85 0.05 -11.12 -11.87
CA GLU B 85 0.82 -10.12 -11.11
C GLU B 85 0.02 -9.78 -9.86
N ALA B 86 0.60 -10.09 -8.70
CA ALA B 86 -0.13 -10.09 -7.42
C ALA B 86 0.87 -10.41 -6.30
N ASP B 87 0.39 -10.33 -5.07
CA ASP B 87 1.10 -10.82 -3.88
C ASP B 87 0.49 -12.18 -3.51
N TYR B 88 1.36 -13.11 -3.18
CA TYR B 88 1.03 -14.51 -2.85
C TYR B 88 1.47 -14.73 -1.41
N TYR B 89 0.59 -15.36 -0.63
CA TYR B 89 0.81 -15.68 0.80
C TYR B 89 0.58 -17.15 1.04
N CYS B 90 1.51 -17.78 1.73
CA CYS B 90 1.27 -19.14 2.27
C CYS B 90 0.73 -18.98 3.69
N GLN B 91 0.03 -20.01 4.18
CA GLN B 91 -0.68 -19.97 5.47
C GLN B 91 -0.73 -21.38 6.03
N SER B 92 -0.48 -21.49 7.33
CA SER B 92 -0.57 -22.76 8.04
C SER B 92 -1.01 -22.51 9.46
N TYR B 93 -0.59 -23.41 10.36
CA TYR B 93 -0.82 -23.30 11.80
C TYR B 93 0.50 -23.70 12.47
N ASP B 94 0.81 -23.05 13.59
CA ASP B 94 2.04 -23.32 14.40
C ASP B 94 1.65 -23.65 15.85
N SER B 95 1.88 -24.89 16.26
CA SER B 95 1.56 -25.41 17.62
C SER B 95 2.34 -24.64 18.70
N SER B 96 3.41 -23.94 18.38
CA SER B 96 4.19 -23.15 19.38
C SER B 96 3.65 -21.72 19.49
N LEU B 97 2.61 -21.34 18.72
CA LEU B 97 2.01 -19.99 18.79
C LEU B 97 0.52 -20.11 19.11
N SER B 98 -0.09 -19.04 19.59
CA SER B 98 -1.42 -19.08 20.19
C SER B 98 -2.53 -18.82 19.14
N GLY B 99 -2.22 -18.52 17.87
CA GLY B 99 -3.25 -18.19 16.85
C GLY B 99 -3.73 -19.37 15.99
N SER B 100 -4.91 -19.26 15.39
CA SER B 100 -5.47 -20.30 14.46
C SER B 100 -4.65 -20.40 13.18
N TRP B 101 -4.18 -19.26 12.63
CA TRP B 101 -3.45 -19.24 11.36
C TRP B 101 -2.11 -18.55 11.56
N VAL B 102 -1.09 -19.00 10.87
CA VAL B 102 0.14 -18.19 10.65
C VAL B 102 0.30 -17.96 9.17
N PHE B 103 0.88 -16.82 8.82
CA PHE B 103 1.11 -16.43 7.41
C PHE B 103 2.60 -16.33 7.12
N GLY B 104 2.94 -16.61 5.88
CA GLY B 104 4.22 -16.14 5.31
C GLY B 104 4.20 -14.64 5.15
N GLY B 105 5.35 -13.98 4.95
CA GLY B 105 5.40 -12.51 4.75
C GLY B 105 4.92 -12.06 3.39
N GLY B 106 4.66 -12.99 2.48
CA GLY B 106 4.16 -12.67 1.14
C GLY B 106 5.29 -12.55 0.13
N THR B 107 4.97 -12.81 -1.12
CA THR B 107 5.89 -12.71 -2.27
C THR B 107 5.19 -11.84 -3.30
N LYS B 108 5.83 -10.76 -3.72
CA LYS B 108 5.32 -9.90 -4.82
C LYS B 108 5.75 -10.56 -6.14
N LEU B 109 4.80 -11.00 -6.94
CA LEU B 109 5.08 -11.56 -8.27
C LEU B 109 4.97 -10.43 -9.30
N THR B 110 6.06 -10.15 -10.01
CA THR B 110 6.04 -9.21 -11.16
C THR B 110 6.09 -10.01 -12.45
N VAL B 111 5.18 -9.69 -13.37
CA VAL B 111 5.12 -10.28 -14.73
C VAL B 111 5.73 -9.26 -15.69
N LEU B 112 6.92 -9.56 -16.20
CA LEU B 112 7.68 -8.59 -16.99
C LEU B 112 7.08 -8.59 -18.40
N GLY B 113 6.02 -7.79 -18.57
CA GLY B 113 5.14 -7.79 -19.75
C GLY B 113 5.33 -6.57 -20.64
N GLN B 114 6.32 -5.74 -20.32
CA GLN B 114 6.61 -4.44 -20.99
C GLN B 114 8.12 -4.33 -21.12
N PRO B 115 8.59 -3.56 -22.12
CA PRO B 115 10.00 -3.25 -22.21
C PRO B 115 10.41 -2.35 -21.02
N LYS B 116 11.67 -2.50 -20.62
CA LYS B 116 12.38 -1.58 -19.69
C LYS B 116 12.16 -0.13 -20.13
N ALA B 117 12.03 0.77 -19.17
CA ALA B 117 11.81 2.20 -19.41
C ALA B 117 12.50 2.96 -18.27
N ALA B 118 13.44 3.82 -18.63
CA ALA B 118 14.25 4.62 -17.70
C ALA B 118 13.34 5.68 -17.10
N PRO B 119 13.59 6.09 -15.87
CA PRO B 119 12.77 7.14 -15.27
C PRO B 119 12.99 8.54 -15.84
N SER B 120 11.92 9.35 -15.94
CA SER B 120 11.96 10.82 -16.13
C SER B 120 12.06 11.47 -14.74
N VAL B 121 13.08 12.29 -14.50
CA VAL B 121 13.31 12.91 -13.17
C VAL B 121 13.22 14.43 -13.26
N THR B 122 12.39 15.05 -12.41
CA THR B 122 12.29 16.52 -12.30
C THR B 122 12.49 16.90 -10.84
N LEU B 123 13.45 17.79 -10.59
CA LEU B 123 13.77 18.21 -9.20
C LEU B 123 13.38 19.67 -9.03
N PHE B 124 12.55 20.00 -8.05
CA PHE B 124 12.22 21.42 -7.80
C PHE B 124 12.87 21.85 -6.49
N PRO B 125 13.47 23.06 -6.49
CA PRO B 125 13.95 23.68 -5.26
C PRO B 125 12.77 24.18 -4.43
N PRO B 126 13.03 24.57 -3.19
CA PRO B 126 12.01 25.27 -2.39
C PRO B 126 11.58 26.56 -3.10
N SER B 127 10.27 26.82 -3.07
CA SER B 127 9.65 28.06 -3.62
C SER B 127 10.05 29.23 -2.70
N SER B 128 10.15 30.42 -3.22
CA SER B 128 10.44 31.60 -2.36
C SER B 128 9.27 31.82 -1.38
N GLU B 129 8.03 31.40 -1.68
CA GLU B 129 6.92 31.50 -0.68
C GLU B 129 7.17 30.53 0.47
N GLU B 130 7.60 29.29 0.22
CA GLU B 130 7.84 28.38 1.34
C GLU B 130 8.98 28.92 2.22
N LEU B 131 10.05 29.39 1.57
CA LEU B 131 11.24 29.98 2.25
C LEU B 131 10.78 31.22 3.04
N GLN B 132 9.97 32.08 2.42
CA GLN B 132 9.39 33.32 3.02
C GLN B 132 8.38 32.96 4.11
N ALA B 133 8.00 31.67 4.23
CA ALA B 133 7.15 31.14 5.31
C ALA B 133 8.00 30.27 6.22
N ASN B 134 9.32 30.42 6.11
CA ASN B 134 10.36 29.82 6.98
C ASN B 134 10.40 28.29 6.90
N LYS B 135 10.19 27.71 5.72
CA LYS B 135 10.30 26.24 5.52
C LYS B 135 10.98 26.00 4.17
N ALA B 136 11.37 24.77 3.87
CA ALA B 136 12.05 24.43 2.61
C ALA B 136 11.86 22.95 2.33
N THR B 137 11.30 22.65 1.16
CA THR B 137 11.05 21.27 0.69
C THR B 137 11.67 21.18 -0.70
N LEU B 138 12.56 20.21 -0.91
CA LEU B 138 12.98 19.82 -2.28
C LEU B 138 12.07 18.68 -2.73
N VAL B 139 11.62 18.76 -3.97
CA VAL B 139 10.64 17.82 -4.53
C VAL B 139 11.28 17.15 -5.72
N CYS B 140 11.41 15.83 -5.62
CA CYS B 140 11.96 14.99 -6.71
C CYS B 140 10.86 14.08 -7.24
N LEU B 141 10.42 14.35 -8.47
CA LEU B 141 9.32 13.64 -9.14
C LEU B 141 9.88 12.68 -10.20
N VAL B 142 9.56 11.41 -10.03
CA VAL B 142 10.10 10.33 -10.88
C VAL B 142 8.96 9.63 -11.62
N SER B 143 9.00 9.55 -12.94
CA SER B 143 7.86 8.96 -13.69
C SER B 143 8.33 8.13 -14.88
N ASP B 144 7.39 7.35 -15.44
CA ASP B 144 7.54 6.60 -16.72
C ASP B 144 8.65 5.57 -16.64
N PHE B 145 8.87 4.93 -15.50
CA PHE B 145 9.88 3.85 -15.39
C PHE B 145 9.18 2.51 -15.32
N TYR B 146 9.89 1.47 -15.76
CA TYR B 146 9.43 0.05 -15.74
C TYR B 146 10.68 -0.83 -15.73
N PRO B 147 10.80 -1.87 -14.89
CA PRO B 147 9.83 -2.25 -13.88
C PRO B 147 9.69 -1.22 -12.74
N GLY B 148 8.77 -1.48 -11.84
CA GLY B 148 8.37 -0.53 -10.80
C GLY B 148 9.17 -0.69 -9.53
N ALA B 149 10.49 -0.66 -9.64
CA ALA B 149 11.46 -0.66 -8.52
C ALA B 149 12.43 0.48 -8.76
N VAL B 150 12.65 1.32 -7.75
CA VAL B 150 13.59 2.45 -7.87
C VAL B 150 14.18 2.69 -6.50
N THR B 151 15.40 3.22 -6.46
CA THR B 151 16.03 3.78 -5.24
C THR B 151 16.18 5.27 -5.46
N VAL B 152 15.82 6.06 -4.47
CA VAL B 152 16.03 7.52 -4.53
C VAL B 152 16.92 7.87 -3.37
N ALA B 153 18.02 8.55 -3.66
CA ALA B 153 18.98 9.00 -2.65
C ALA B 153 19.18 10.49 -2.83
N TRP B 154 19.38 11.19 -1.73
CA TRP B 154 19.62 12.64 -1.73
C TRP B 154 21.08 12.91 -1.36
N LYS B 155 21.62 13.97 -1.94
CA LYS B 155 22.97 14.46 -1.62
C LYS B 155 22.87 15.95 -1.31
N ALA B 156 23.62 16.45 -0.32
CA ALA B 156 23.94 17.88 -0.12
C ALA B 156 25.45 18.07 -0.36
N ASP B 157 25.84 18.87 -1.36
CA ASP B 157 27.23 19.03 -1.82
C ASP B 157 27.94 17.67 -1.87
N GLY B 158 27.38 16.68 -2.55
CA GLY B 158 28.07 15.40 -2.78
C GLY B 158 28.08 14.49 -1.57
N SER B 159 27.47 14.88 -0.44
CA SER B 159 27.40 14.06 0.80
C SER B 159 25.98 13.53 0.99
N PRO B 160 25.76 12.24 1.34
CA PRO B 160 24.40 11.70 1.42
C PRO B 160 23.62 12.34 2.58
N VAL B 161 22.32 12.50 2.38
CA VAL B 161 21.37 13.04 3.40
C VAL B 161 20.35 11.95 3.66
N LYS B 162 20.17 11.51 4.91
CA LYS B 162 19.14 10.50 5.30
C LYS B 162 18.00 11.19 6.04
N VAL B 163 18.35 12.19 6.84
CA VAL B 163 17.37 12.84 7.73
C VAL B 163 16.51 13.82 6.92
N GLY B 164 15.19 13.74 7.10
CA GLY B 164 14.25 14.70 6.49
C GLY B 164 13.73 14.21 5.16
N VAL B 165 14.06 12.99 4.79
CA VAL B 165 13.68 12.40 3.48
C VAL B 165 12.40 11.58 3.65
N GLU B 166 11.45 11.74 2.73
CA GLU B 166 10.29 10.80 2.65
C GLU B 166 10.07 10.46 1.19
N THR B 167 9.93 9.18 0.88
CA THR B 167 9.84 8.67 -0.51
C THR B 167 8.63 7.75 -0.56
N THR B 168 7.77 7.95 -1.55
CA THR B 168 6.63 7.05 -1.82
C THR B 168 7.14 5.76 -2.46
N LYS B 169 6.40 4.68 -2.29
CA LYS B 169 6.59 3.43 -3.08
C LYS B 169 6.12 3.70 -4.49
N PRO B 170 6.65 2.96 -5.48
CA PRO B 170 6.25 3.19 -6.86
C PRO B 170 4.75 2.95 -6.94
N SER B 171 4.07 3.67 -7.80
CA SER B 171 2.62 3.48 -8.05
C SER B 171 2.43 3.41 -9.55
N LYS B 172 1.55 2.53 -10.01
CA LYS B 172 1.35 2.28 -11.45
C LYS B 172 0.61 3.47 -12.04
N GLN B 173 1.00 3.90 -13.23
CA GLN B 173 0.37 4.97 -14.04
C GLN B 173 -0.67 4.37 -15.01
N SER B 174 -1.44 5.23 -15.68
CA SER B 174 -2.33 4.91 -16.85
C SER B 174 -1.63 4.00 -17.87
N ASN B 175 -0.35 4.28 -18.17
CA ASN B 175 0.37 3.64 -19.30
C ASN B 175 1.08 2.39 -18.82
N ASN B 176 0.79 1.95 -17.59
CA ASN B 176 1.37 0.74 -16.96
C ASN B 176 2.87 0.89 -16.63
N LYS B 177 3.45 2.07 -16.79
CA LYS B 177 4.74 2.40 -16.15
C LYS B 177 4.45 2.94 -14.76
N TYR B 178 5.52 3.27 -14.03
CA TYR B 178 5.46 3.60 -12.58
C TYR B 178 5.97 5.02 -12.36
N ALA B 179 5.53 5.57 -11.23
CA ALA B 179 5.88 6.93 -10.76
C ALA B 179 6.27 6.82 -9.30
N ALA B 180 7.12 7.69 -8.82
CA ALA B 180 7.36 7.82 -7.38
C ALA B 180 7.74 9.27 -7.08
N SER B 181 7.69 9.63 -5.82
CA SER B 181 8.12 11.00 -5.43
C SER B 181 8.91 10.91 -4.13
N SER B 182 9.81 11.86 -3.95
CA SER B 182 10.66 11.96 -2.77
C SER B 182 10.72 13.41 -2.37
N TYR B 183 10.69 13.63 -1.08
CA TYR B 183 10.71 14.98 -0.50
C TYR B 183 11.93 15.06 0.39
N LEU B 184 12.64 16.18 0.34
CA LEU B 184 13.68 16.49 1.38
C LEU B 184 13.29 17.78 2.08
N SER B 185 13.10 17.71 3.40
CA SER B 185 12.69 18.83 4.30
C SER B 185 13.93 19.42 4.92
N LEU B 186 14.12 20.72 4.75
CA LEU B 186 15.30 21.45 5.28
C LEU B 186 14.77 22.68 6.03
N THR B 187 15.60 23.23 6.91
CA THR B 187 15.49 24.64 7.34
C THR B 187 15.94 25.49 6.15
N PRO B 188 15.43 26.72 5.99
CA PRO B 188 15.94 27.65 4.99
C PRO B 188 17.45 27.86 5.16
N GLU B 189 17.95 27.69 6.39
CA GLU B 189 19.37 27.84 6.79
C GLU B 189 20.18 26.72 6.16
N GLN B 190 19.77 25.47 6.36
CA GLN B 190 20.38 24.31 5.66
C GLN B 190 20.34 24.56 4.14
N TRP B 191 19.20 24.97 3.59
CA TRP B 191 19.07 25.18 2.12
C TRP B 191 20.16 26.14 1.65
N LYS B 192 20.28 27.28 2.34
CA LYS B 192 21.16 28.41 1.94
C LYS B 192 22.64 28.08 2.23
N SER B 193 22.92 27.13 3.14
CA SER B 193 24.28 26.81 3.65
C SER B 193 25.00 25.75 2.78
N HIS B 194 24.40 25.29 1.68
CA HIS B 194 25.05 24.33 0.76
C HIS B 194 25.08 24.94 -0.65
N ARG B 195 26.08 24.59 -1.45
CA ARG B 195 26.22 25.07 -2.86
C ARG B 195 25.20 24.34 -3.75
N SER B 196 24.87 23.10 -3.43
CA SER B 196 23.93 22.32 -4.28
C SER B 196 23.25 21.22 -3.48
N TYR B 197 22.11 20.75 -3.99
CA TYR B 197 21.44 19.51 -3.56
C TYR B 197 21.16 18.67 -4.82
N SER B 198 21.26 17.35 -4.69
CA SER B 198 20.97 16.40 -5.81
C SER B 198 19.94 15.37 -5.38
N CYS B 199 19.09 15.01 -6.32
CA CYS B 199 18.21 13.83 -6.23
C CYS B 199 18.84 12.81 -7.16
N ARG B 200 19.11 11.60 -6.70
CA ARG B 200 19.83 10.58 -7.49
C ARG B 200 18.93 9.35 -7.55
N VAL B 201 18.50 9.01 -8.75
CA VAL B 201 17.48 7.96 -8.94
C VAL B 201 18.12 6.78 -9.66
N THR B 202 18.14 5.62 -9.02
CA THR B 202 18.69 4.37 -9.55
C THR B 202 17.55 3.46 -9.99
N HIS B 203 17.66 2.98 -11.22
CA HIS B 203 16.68 2.05 -11.81
C HIS B 203 17.44 1.02 -12.66
N GLU B 204 17.41 -0.25 -12.25
CA GLU B 204 18.09 -1.39 -12.89
C GLU B 204 19.60 -1.06 -13.05
N GLY B 205 20.27 -0.69 -11.97
CA GLY B 205 21.74 -0.45 -11.93
C GLY B 205 22.17 0.88 -12.53
N SER B 206 21.30 1.57 -13.31
CA SER B 206 21.57 2.88 -14.00
C SER B 206 20.92 4.06 -13.27
N THR B 207 21.59 5.22 -13.23
CA THR B 207 21.27 6.35 -12.32
C THR B 207 21.13 7.65 -13.11
N VAL B 208 20.03 8.38 -12.84
CA VAL B 208 19.81 9.79 -13.27
C VAL B 208 19.89 10.68 -12.02
N GLU B 209 20.72 11.71 -12.06
CA GLU B 209 20.96 12.66 -10.94
C GLU B 209 20.61 14.05 -11.45
N LYS B 210 19.75 14.76 -10.71
CA LYS B 210 19.34 16.15 -11.02
C LYS B 210 19.84 16.99 -9.86
N THR B 211 20.36 18.18 -10.14
CA THR B 211 20.96 19.04 -9.11
C THR B 211 20.23 20.38 -9.15
N VAL B 212 20.07 20.98 -7.98
CA VAL B 212 19.60 22.40 -7.88
C VAL B 212 20.60 23.14 -6.98
N ALA B 213 20.67 24.45 -7.13
CA ALA B 213 21.63 25.31 -6.39
C ALA B 213 20.86 26.48 -5.75
N PRO B 214 21.00 26.76 -4.43
CA PRO B 214 20.44 27.99 -3.87
C PRO B 214 20.84 29.23 -4.69
N ALA B 215 22.10 29.31 -5.16
CA ALA B 215 22.64 30.38 -6.03
C ALA B 215 21.52 31.30 -6.53
N ALA C 2 -8.86 -25.99 24.96
CA ALA C 2 -9.06 -24.91 23.96
C ALA C 2 -7.94 -25.00 22.90
N ASN C 3 -8.24 -25.58 21.76
CA ASN C 3 -7.25 -25.72 20.65
C ASN C 3 -7.61 -24.73 19.54
N PRO C 4 -6.82 -23.66 19.26
CA PRO C 4 -7.16 -22.75 18.17
C PRO C 4 -7.10 -23.38 16.76
N ASN C 5 -6.52 -24.57 16.64
CA ASN C 5 -6.42 -25.30 15.36
C ASN C 5 -7.57 -26.33 15.22
N ALA C 6 -8.52 -26.34 16.13
CA ALA C 6 -9.63 -27.32 16.03
C ALA C 6 -10.65 -26.79 15.01
N ASN C 7 -11.36 -27.69 14.37
CA ASN C 7 -12.37 -27.34 13.35
C ASN C 7 -13.44 -26.44 13.97
N PRO C 8 -13.61 -25.19 13.48
CA PRO C 8 -14.53 -24.24 14.12
C PRO C 8 -15.92 -24.24 13.47
N ASN C 9 -16.18 -25.22 12.61
CA ASN C 9 -17.40 -25.33 11.78
C ASN C 9 -18.32 -26.46 12.31
N ALA C 10 -19.61 -26.42 11.95
CA ALA C 10 -20.62 -27.46 12.24
C ALA C 10 -20.23 -28.77 11.52
N ASN C 11 -19.66 -28.68 10.32
CA ASN C 11 -19.34 -29.84 9.43
C ASN C 11 -17.91 -29.70 8.86
#